data_4HR3
#
_entry.id   4HR3
#
_cell.length_a   79.950
_cell.length_b   107.330
_cell.length_c   137.100
_cell.angle_alpha   90.00
_cell.angle_beta   90.00
_cell.angle_gamma   90.00
#
_symmetry.space_group_name_H-M   'I 2 2 2'
#
loop_
_entity.id
_entity.type
_entity.pdbx_description
1 polymer 'Putative acyl-CoA dehydrogenase'
2 non-polymer 'FLAVIN-ADENINE DINUCLEOTIDE'
3 water water
#
_entity_poly.entity_id   1
_entity_poly.type   'polypeptide(L)'
_entity_poly.pdbx_seq_one_letter_code
;GPGSMDFAPSARAAELIAAVREFIDAEVMPVERAVLAHHDELLGARAGTTAELWHVPPELDSLKAKARAAGLWNLFLPDP
ELGGGLSNSEYAPLAEQMGRSLFAPTVFNCNAPDSGNMEVLHRYGSQEQKEVWLEPLLEGDIRSAFCMTEPDVASSDATN
MAATAVVEGDEVVINGRKWWSTGVGHPDCKVIIFMGLTDPNAHRYARHSMVLVPMDTPGITVERMLPTMGFYDEPGGHGV
VSFDNVRLPADAFIAGPGKGFEIAQGRLGPGRVHHAMRLIGLAEVALEHACRRGLDRTAFGKPLVNLGGNRERIADARIA
INQTRLLVLHAAWLLDTVGIMGALSAVSEIKVAAPNMAQQVIDMAIQIHGGGGLSNDFPLAAAWVNARALRLADGPDEVH
RGVVARIELAKYAND
;
_entity_poly.pdbx_strand_id   A
#
# COMPACT_ATOMS: atom_id res chain seq x y z
N PHE A 7 21.19 11.10 10.36
CA PHE A 7 21.13 9.57 10.42
C PHE A 7 20.45 8.92 11.67
N ALA A 8 20.45 9.61 12.80
CA ALA A 8 19.79 9.14 14.00
C ALA A 8 18.33 9.66 14.01
N PRO A 9 17.39 8.96 14.70
CA PRO A 9 16.01 9.45 14.74
C PRO A 9 15.79 10.34 15.98
N SER A 10 14.70 11.09 15.99
CA SER A 10 14.28 11.84 17.19
C SER A 10 14.00 10.91 18.36
N ALA A 11 13.90 11.49 19.56
CA ALA A 11 13.55 10.74 20.78
C ALA A 11 12.18 10.09 20.60
N ARG A 12 11.25 10.82 20.03
CA ARG A 12 9.92 10.27 19.77
C ARG A 12 9.99 9.09 18.83
N ALA A 13 10.75 9.25 17.74
CA ALA A 13 10.86 8.17 16.77
C ALA A 13 11.49 6.91 17.38
N ALA A 14 12.54 7.09 18.18
CA ALA A 14 13.20 5.97 18.83
C ALA A 14 12.22 5.22 19.75
N GLU A 15 11.45 5.97 20.53
CA GLU A 15 10.42 5.39 21.39
C GLU A 15 9.39 4.60 20.61
N LEU A 16 8.92 5.18 19.52
CA LEU A 16 7.87 4.57 18.70
C LEU A 16 8.36 3.38 17.90
N ILE A 17 9.62 3.40 17.46
CA ILE A 17 10.19 2.21 16.76
C ILE A 17 10.13 0.99 17.69
N ALA A 18 10.59 1.19 18.93
CA ALA A 18 10.57 0.14 19.92
C ALA A 18 9.15 -0.30 20.27
N ALA A 19 8.25 0.67 20.42
CA ALA A 19 6.85 0.34 20.79
C ALA A 19 6.15 -0.43 19.68
N VAL A 20 6.31 0.04 18.44
CA VAL A 20 5.66 -0.58 17.29
C VAL A 20 6.20 -1.99 17.05
N ARG A 21 7.51 -2.17 17.10
CA ARG A 21 8.11 -3.47 16.87
C ARG A 21 7.69 -4.44 17.96
N GLU A 22 7.68 -3.97 19.21
CA GLU A 22 7.24 -4.81 20.35
C GLU A 22 5.79 -5.26 20.18
N PHE A 23 4.93 -4.34 19.81
CA PHE A 23 3.51 -4.63 19.61
C PHE A 23 3.30 -5.65 18.47
N ILE A 24 4.01 -5.44 17.38
CA ILE A 24 3.89 -6.33 16.23
C ILE A 24 4.30 -7.75 16.64
N ASP A 25 5.46 -7.89 17.29
CA ASP A 25 5.97 -9.22 17.59
C ASP A 25 5.12 -9.91 18.67
N ALA A 26 4.68 -9.15 19.66
CA ALA A 26 3.97 -9.76 20.79
C ALA A 26 2.48 -9.94 20.53
N GLU A 27 1.86 -8.96 19.89
CA GLU A 27 0.40 -8.94 19.74
C GLU A 27 -0.06 -9.33 18.33
N VAL A 28 0.50 -8.70 17.32
CA VAL A 28 0.02 -8.92 15.95
C VAL A 28 0.41 -10.29 15.37
N MET A 29 1.68 -10.67 15.50
CA MET A 29 2.20 -11.85 14.79
C MET A 29 1.57 -13.18 15.23
N PRO A 30 1.28 -13.36 16.54
CA PRO A 30 0.58 -14.61 16.86
C PRO A 30 -0.78 -14.73 16.14
N VAL A 31 -1.50 -13.62 16.05
CA VAL A 31 -2.78 -13.63 15.34
C VAL A 31 -2.54 -13.83 13.82
N GLU A 32 -1.62 -13.08 13.27
CA GLU A 32 -1.27 -13.18 11.86
C GLU A 32 -0.93 -14.63 11.48
N ARG A 33 -0.04 -15.25 12.25
CA ARG A 33 0.32 -16.65 11.99
C ARG A 33 -0.90 -17.58 12.06
N ALA A 34 -1.76 -17.37 13.06
CA ALA A 34 -2.96 -18.20 13.22
C ALA A 34 -3.93 -18.07 12.04
N VAL A 35 -4.14 -16.83 11.58
CA VAL A 35 -5.03 -16.56 10.47
C VAL A 35 -4.50 -17.22 9.19
N LEU A 36 -3.24 -16.98 8.89
CA LEU A 36 -2.61 -17.56 7.70
C LEU A 36 -2.61 -19.11 7.76
N ALA A 37 -2.35 -19.66 8.95
CA ALA A 37 -2.33 -21.12 9.13
C ALA A 37 -3.70 -21.73 8.89
N HIS A 38 -4.74 -21.06 9.39
CA HIS A 38 -6.10 -21.55 9.22
C HIS A 38 -6.52 -21.52 7.77
N HIS A 39 -6.18 -20.44 7.07
CA HIS A 39 -6.41 -20.32 5.65
C HIS A 39 -5.72 -21.48 4.91
N ASP A 40 -4.45 -21.70 5.24
CA ASP A 40 -3.68 -22.78 4.65
C ASP A 40 -4.24 -24.16 4.94
N GLU A 41 -4.68 -24.36 6.18
CA GLU A 41 -5.24 -25.64 6.61
C GLU A 41 -6.50 -25.99 5.83
N LEU A 42 -7.39 -25.02 5.67
CA LEU A 42 -8.65 -25.25 4.93
C LEU A 42 -8.35 -25.63 3.49
N LEU A 43 -7.52 -24.82 2.82
CA LEU A 43 -7.23 -25.09 1.41
C LEU A 43 -6.43 -26.39 1.23
N GLY A 44 -5.50 -26.64 2.14
CA GLY A 44 -4.69 -27.85 2.12
C GLY A 44 -5.52 -29.11 2.29
N ALA A 45 -6.64 -28.99 3.01
CA ALA A 45 -7.54 -30.10 3.26
C ALA A 45 -8.60 -30.23 2.15
N ARG A 46 -8.54 -29.32 1.18
CA ARG A 46 -9.53 -29.21 0.12
C ARG A 46 -10.94 -29.11 0.73
N ALA A 47 -11.05 -28.30 1.78
CA ALA A 47 -12.26 -28.24 2.60
C ALA A 47 -12.84 -26.83 2.67
N GLY A 48 -14.10 -26.77 3.10
CA GLY A 48 -14.77 -25.51 3.35
C GLY A 48 -15.23 -24.80 2.10
N THR A 49 -15.75 -23.58 2.30
CA THR A 49 -16.26 -22.76 1.23
C THR A 49 -15.22 -21.72 0.86
N THR A 50 -15.34 -21.19 -0.34
CA THR A 50 -14.53 -20.06 -0.74
C THR A 50 -14.93 -18.83 0.06
N ALA A 51 -16.24 -18.65 0.26
CA ALA A 51 -16.72 -17.46 0.97
C ALA A 51 -16.15 -17.32 2.37
N GLU A 52 -15.95 -18.42 3.09
CA GLU A 52 -15.43 -18.31 4.47
C GLU A 52 -14.00 -17.79 4.56
N LEU A 53 -13.24 -17.91 3.48
CA LEU A 53 -11.87 -17.39 3.46
C LEU A 53 -11.82 -15.86 3.49
N TRP A 54 -12.94 -15.22 3.19
CA TRP A 54 -13.05 -13.78 3.16
C TRP A 54 -13.53 -13.13 4.49
N HIS A 55 -13.86 -13.94 5.48
CA HIS A 55 -14.28 -13.39 6.77
C HIS A 55 -13.19 -12.51 7.36
N VAL A 56 -13.57 -11.36 7.87
CA VAL A 56 -12.61 -10.49 8.55
C VAL A 56 -12.19 -11.15 9.86
N PRO A 57 -10.88 -11.32 10.09
CA PRO A 57 -10.47 -11.97 11.34
C PRO A 57 -11.00 -11.19 12.52
N PRO A 58 -11.75 -11.84 13.42
CA PRO A 58 -12.34 -11.11 14.57
C PRO A 58 -11.31 -10.44 15.46
N GLU A 59 -10.10 -10.99 15.48
CA GLU A 59 -9.06 -10.50 16.37
C GLU A 59 -8.54 -9.11 15.95
N LEU A 60 -8.79 -8.68 14.72
CA LEU A 60 -8.32 -7.36 14.27
C LEU A 60 -8.87 -6.19 15.07
N ASP A 61 -10.17 -6.20 15.35
CA ASP A 61 -10.74 -5.09 16.12
C ASP A 61 -10.15 -5.02 17.52
N SER A 62 -9.88 -6.20 18.10
CA SER A 62 -9.22 -6.27 19.39
C SER A 62 -7.81 -5.68 19.32
N LEU A 63 -7.05 -6.05 18.29
CA LEU A 63 -5.71 -5.50 18.07
C LEU A 63 -5.71 -4.00 17.81
N LYS A 64 -6.64 -3.53 16.98
CA LYS A 64 -6.82 -2.08 16.75
C LYS A 64 -7.09 -1.32 18.05
N ALA A 65 -7.99 -1.86 18.88
CA ALA A 65 -8.28 -1.24 20.18
C ALA A 65 -7.04 -1.15 21.07
N LYS A 66 -6.27 -2.24 21.15
CA LYS A 66 -5.02 -2.26 21.94
C LYS A 66 -4.02 -1.26 21.42
N ALA A 67 -3.89 -1.18 20.09
CA ALA A 67 -2.99 -0.24 19.45
C ALA A 67 -3.37 1.19 19.79
N ARG A 68 -4.66 1.50 19.64
CA ARG A 68 -5.20 2.83 20.00
CA ARG A 68 -5.20 2.83 20.00
C ARG A 68 -4.87 3.17 21.45
N ALA A 69 -5.10 2.22 22.34
CA ALA A 69 -4.86 2.44 23.76
C ALA A 69 -3.38 2.73 24.06
N ALA A 70 -2.49 2.17 23.25
CA ALA A 70 -1.05 2.37 23.40
C ALA A 70 -0.55 3.64 22.72
N GLY A 71 -1.43 4.38 22.07
CA GLY A 71 -1.05 5.57 21.32
C GLY A 71 -0.45 5.26 19.95
N LEU A 72 -0.62 4.04 19.47
CA LEU A 72 -0.07 3.64 18.17
C LEU A 72 -1.21 3.62 17.15
N TRP A 73 -1.52 4.79 16.62
CA TRP A 73 -2.73 4.98 15.80
C TRP A 73 -2.58 6.20 14.91
N ASN A 74 -2.92 6.06 13.63
CA ASN A 74 -2.83 7.18 12.69
C ASN A 74 -1.45 7.82 12.64
N LEU A 75 -0.41 7.00 12.79
CA LEU A 75 0.98 7.48 12.87
C LEU A 75 1.45 8.07 11.55
N PHE A 76 0.80 7.68 10.45
CA PHE A 76 1.12 8.23 9.13
C PHE A 76 0.73 9.70 8.98
N LEU A 77 -0.25 10.17 9.75
CA LEU A 77 -0.91 11.45 9.50
C LEU A 77 -0.17 12.55 10.26
N PRO A 78 0.36 13.58 9.56
CA PRO A 78 1.15 14.56 10.33
C PRO A 78 0.38 15.53 11.24
N ASP A 79 -0.93 15.68 11.04
CA ASP A 79 -1.79 16.50 11.92
C ASP A 79 -1.68 15.99 13.37
N PRO A 80 -1.18 16.83 14.29
CA PRO A 80 -0.97 16.36 15.66
C PRO A 80 -2.26 16.14 16.47
N GLU A 81 -3.36 16.76 16.07
CA GLU A 81 -4.66 16.59 16.75
C GLU A 81 -5.31 15.27 16.33
N LEU A 82 -5.34 15.03 15.03
CA LEU A 82 -6.04 13.87 14.45
C LEU A 82 -5.14 12.65 14.23
N GLY A 83 -3.83 12.89 14.14
CA GLY A 83 -2.85 11.83 13.88
C GLY A 83 -1.71 11.86 14.89
N GLY A 84 -0.59 11.26 14.51
CA GLY A 84 0.56 11.16 15.40
C GLY A 84 1.47 12.37 15.42
N GLY A 85 1.32 13.31 14.48
CA GLY A 85 2.15 14.51 14.43
C GLY A 85 3.57 14.29 13.90
N LEU A 86 3.82 13.15 13.29
CA LEU A 86 5.17 12.74 12.94
C LEU A 86 5.60 13.37 11.64
N SER A 87 6.88 13.74 11.56
CA SER A 87 7.48 14.14 10.29
C SER A 87 7.66 12.91 9.43
N ASN A 88 8.00 13.11 8.16
CA ASN A 88 8.25 11.95 7.31
C ASN A 88 9.45 11.14 7.81
N SER A 89 10.45 11.83 8.33
CA SER A 89 11.66 11.17 8.84
C SER A 89 11.36 10.35 10.09
N GLU A 90 10.45 10.86 10.92
CA GLU A 90 10.03 10.12 12.11
C GLU A 90 9.18 8.89 11.77
N TYR A 91 8.27 9.02 10.83
CA TYR A 91 7.37 7.93 10.49
C TYR A 91 8.05 6.84 9.67
N ALA A 92 9.03 7.22 8.84
CA ALA A 92 9.67 6.26 7.94
C ALA A 92 10.11 4.95 8.62
N PRO A 93 10.87 5.03 9.75
CA PRO A 93 11.28 3.76 10.36
C PRO A 93 10.15 2.96 10.98
N LEU A 94 9.03 3.62 11.28
CA LEU A 94 7.85 2.92 11.76
C LEU A 94 7.21 2.15 10.64
N ALA A 95 7.15 2.74 9.43
CA ALA A 95 6.62 2.03 8.27
C ALA A 95 7.46 0.78 7.96
N GLU A 96 8.77 0.86 8.16
CA GLU A 96 9.61 -0.32 7.95
C GLU A 96 9.17 -1.42 8.88
N GLN A 97 8.98 -1.10 10.16
CA GLN A 97 8.57 -2.12 11.11
C GLN A 97 7.20 -2.72 10.71
N MET A 98 6.28 -1.89 10.25
CA MET A 98 4.95 -2.36 9.84
C MET A 98 5.02 -3.26 8.61
N GLY A 99 6.00 -2.99 7.74
CA GLY A 99 6.25 -3.79 6.55
C GLY A 99 6.64 -5.23 6.81
N ARG A 100 7.04 -5.52 8.04
CA ARG A 100 7.39 -6.86 8.47
C ARG A 100 6.20 -7.77 8.68
N SER A 101 4.98 -7.21 8.66
CA SER A 101 3.76 -7.89 9.00
C SER A 101 2.66 -7.58 7.97
N LEU A 102 1.91 -8.59 7.57
CA LEU A 102 0.75 -8.41 6.72
C LEU A 102 -0.33 -7.53 7.33
N PHE A 103 -0.66 -7.75 8.60
CA PHE A 103 -1.77 -7.03 9.25
C PHE A 103 -1.39 -5.73 9.94
N ALA A 104 -0.10 -5.52 10.18
CA ALA A 104 0.35 -4.41 11.01
C ALA A 104 -0.15 -3.06 10.51
N PRO A 105 -0.04 -2.78 9.19
CA PRO A 105 -0.53 -1.47 8.77
C PRO A 105 -1.99 -1.25 9.12
N THR A 106 -2.82 -2.27 8.96
CA THR A 106 -4.24 -2.17 9.32
C THR A 106 -4.41 -1.96 10.81
N VAL A 107 -3.65 -2.68 11.62
CA VAL A 107 -3.78 -2.60 13.07
C VAL A 107 -3.48 -1.18 13.59
N PHE A 108 -2.58 -0.47 12.92
CA PHE A 108 -2.23 0.89 13.33
C PHE A 108 -2.96 1.99 12.53
N ASN A 109 -3.89 1.55 11.67
CA ASN A 109 -4.67 2.43 10.76
C ASN A 109 -3.77 3.21 9.79
N CYS A 110 -2.69 2.56 9.35
CA CYS A 110 -1.67 3.15 8.49
C CYS A 110 -1.61 2.48 7.12
N ASN A 111 -2.58 1.63 6.82
CA ASN A 111 -2.56 0.87 5.55
C ASN A 111 -3.01 1.66 4.34
N ALA A 112 -2.43 1.32 3.19
CA ALA A 112 -2.94 1.75 1.91
C ALA A 112 -4.16 0.88 1.61
N PRO A 113 -5.19 1.42 0.95
CA PRO A 113 -5.36 2.76 0.40
C PRO A 113 -5.93 3.78 1.38
N ASP A 114 -6.31 3.32 2.58
CA ASP A 114 -6.98 4.19 3.52
C ASP A 114 -6.15 5.39 3.97
N SER A 115 -4.85 5.20 4.14
CA SER A 115 -3.99 6.29 4.57
C SER A 115 -3.95 7.40 3.52
N GLY A 116 -3.78 7.03 2.26
CA GLY A 116 -3.80 7.99 1.16
C GLY A 116 -5.15 8.69 1.00
N ASN A 117 -6.24 7.94 1.17
CA ASN A 117 -7.58 8.55 1.09
C ASN A 117 -7.87 9.53 2.22
N MET A 118 -7.41 9.18 3.42
CA MET A 118 -7.50 10.06 4.57
C MET A 118 -6.71 11.35 4.31
N GLU A 119 -5.51 11.23 3.75
CA GLU A 119 -4.69 12.41 3.41
C GLU A 119 -5.44 13.32 2.42
N VAL A 120 -6.05 12.72 1.39
CA VAL A 120 -6.82 13.50 0.42
C VAL A 120 -7.97 14.26 1.09
N LEU A 121 -8.71 13.57 1.95
CA LEU A 121 -9.88 14.19 2.59
C LEU A 121 -9.47 15.27 3.60
N HIS A 122 -8.40 14.99 4.34
CA HIS A 122 -7.88 15.93 5.32
C HIS A 122 -7.50 17.24 4.65
N ARG A 123 -6.85 17.15 3.50
CA ARG A 123 -6.36 18.32 2.81
C ARG A 123 -7.43 19.01 1.95
N TYR A 124 -8.24 18.22 1.24
CA TYR A 124 -9.12 18.77 0.21
C TYR A 124 -10.61 18.62 0.50
N GLY A 125 -10.96 17.84 1.51
CA GLY A 125 -12.36 17.58 1.84
C GLY A 125 -13.06 18.81 2.38
N SER A 126 -14.33 18.93 2.05
CA SER A 126 -15.18 19.95 2.67
C SER A 126 -15.41 19.60 4.13
N GLN A 127 -15.95 20.54 4.90
CA GLN A 127 -16.26 20.29 6.31
C GLN A 127 -17.19 19.08 6.45
N GLU A 128 -18.20 19.00 5.59
CA GLU A 128 -19.14 17.89 5.64
C GLU A 128 -18.50 16.55 5.23
N GLN A 129 -17.68 16.57 4.19
CA GLN A 129 -16.99 15.35 3.76
C GLN A 129 -16.12 14.82 4.88
N LYS A 130 -15.48 15.73 5.60
CA LYS A 130 -14.60 15.33 6.71
C LYS A 130 -15.40 14.74 7.88
N GLU A 131 -16.57 15.33 8.18
CA GLU A 131 -17.43 14.83 9.25
C GLU A 131 -18.04 13.48 8.92
N VAL A 132 -18.50 13.31 7.69
CA VAL A 132 -19.24 12.12 7.30
C VAL A 132 -18.31 10.92 7.03
N TRP A 133 -17.19 11.17 6.34
CA TRP A 133 -16.32 10.10 5.85
C TRP A 133 -14.91 10.07 6.48
N LEU A 134 -14.26 11.22 6.64
CA LEU A 134 -12.91 11.21 7.24
C LEU A 134 -12.95 10.73 8.70
N GLU A 135 -13.92 11.19 9.48
CA GLU A 135 -14.00 10.82 10.89
C GLU A 135 -14.11 9.29 11.09
N PRO A 136 -15.03 8.62 10.37
CA PRO A 136 -15.07 7.15 10.54
C PRO A 136 -13.80 6.43 10.04
N LEU A 137 -13.16 6.95 9.00
CA LEU A 137 -11.87 6.41 8.58
C LEU A 137 -10.79 6.56 9.66
N LEU A 138 -10.70 7.75 10.24
CA LEU A 138 -9.74 8.02 11.33
C LEU A 138 -9.98 7.13 12.56
N GLU A 139 -11.23 6.76 12.77
CA GLU A 139 -11.61 5.86 13.87
C GLU A 139 -11.36 4.39 13.57
N GLY A 140 -11.07 4.08 12.31
CA GLY A 140 -10.92 2.69 11.86
C GLY A 140 -12.23 1.95 11.73
N ASP A 141 -13.35 2.68 11.71
CA ASP A 141 -14.67 2.05 11.69
C ASP A 141 -15.11 1.60 10.30
N ILE A 142 -14.58 2.25 9.26
CA ILE A 142 -14.83 1.84 7.87
C ILE A 142 -13.52 1.75 7.10
N ARG A 143 -13.62 1.23 5.89
CA ARG A 143 -12.52 1.16 4.93
C ARG A 143 -12.98 1.93 3.69
N SER A 144 -12.02 2.19 2.80
CA SER A 144 -12.25 2.89 1.54
C SER A 144 -11.41 2.26 0.43
N ALA A 145 -11.62 2.71 -0.79
CA ALA A 145 -10.79 2.31 -1.90
C ALA A 145 -10.58 3.50 -2.83
N PHE A 146 -9.51 3.43 -3.60
CA PHE A 146 -9.17 4.44 -4.58
C PHE A 146 -9.32 3.81 -5.96
N CYS A 147 -10.20 4.37 -6.78
CA CYS A 147 -10.56 3.76 -8.06
C CYS A 147 -10.09 4.64 -9.22
N MET A 148 -8.92 4.30 -9.79
CA MET A 148 -8.34 5.09 -10.88
CA MET A 148 -8.34 5.09 -10.88
C MET A 148 -8.07 4.23 -12.12
N THR A 149 -7.41 3.09 -11.92
CA THR A 149 -7.04 2.21 -13.02
C THR A 149 -8.26 1.61 -13.71
N GLU A 150 -8.21 1.54 -15.04
CA GLU A 150 -9.31 1.04 -15.87
C GLU A 150 -8.81 -0.12 -16.70
N PRO A 151 -9.56 -1.23 -16.74
CA PRO A 151 -9.05 -2.40 -17.45
C PRO A 151 -8.85 -2.23 -18.97
N ASP A 152 -9.65 -1.40 -19.62
CA ASP A 152 -9.64 -1.36 -21.09
C ASP A 152 -8.66 -0.36 -21.68
N VAL A 153 -7.95 0.40 -20.84
CA VAL A 153 -6.96 1.35 -21.31
C VAL A 153 -5.68 1.18 -20.52
N ALA A 154 -4.56 1.62 -21.11
CA ALA A 154 -3.28 1.53 -20.43
C ALA A 154 -3.20 2.68 -19.44
N SER A 155 -3.51 2.37 -18.19
CA SER A 155 -3.71 3.38 -17.14
C SER A 155 -2.40 3.91 -16.57
N SER A 156 -1.27 3.33 -16.99
CA SER A 156 0.03 3.89 -16.60
C SER A 156 0.19 5.33 -17.11
N ASP A 157 -0.60 5.69 -18.14
CA ASP A 157 -0.70 7.06 -18.63
C ASP A 157 -2.07 7.54 -18.20
N ALA A 158 -2.10 8.36 -17.14
CA ALA A 158 -3.35 8.82 -16.56
C ALA A 158 -4.25 9.52 -17.56
N THR A 159 -3.66 10.12 -18.60
CA THR A 159 -4.45 10.82 -19.61
C THR A 159 -5.32 9.88 -20.44
N ASN A 160 -5.08 8.57 -20.34
CA ASN A 160 -5.91 7.59 -21.02
C ASN A 160 -7.26 7.33 -20.34
N MET A 161 -7.47 7.84 -19.13
CA MET A 161 -8.70 7.55 -18.38
C MET A 161 -9.90 7.88 -19.23
N ALA A 162 -10.82 6.92 -19.35
CA ALA A 162 -12.03 7.09 -20.12
C ALA A 162 -13.29 7.02 -19.27
N ALA A 163 -13.19 6.56 -18.02
CA ALA A 163 -14.34 6.62 -17.12
C ALA A 163 -14.59 8.07 -16.77
N THR A 164 -15.86 8.45 -16.67
CA THR A 164 -16.22 9.87 -16.59
C THR A 164 -16.93 10.25 -15.29
N ALA A 165 -16.69 11.48 -14.86
CA ALA A 165 -17.44 12.14 -13.78
C ALA A 165 -17.79 13.53 -14.27
N VAL A 166 -19.03 13.70 -14.71
CA VAL A 166 -19.42 14.94 -15.38
C VAL A 166 -20.55 15.65 -14.64
N VAL A 167 -20.51 16.97 -14.71
CA VAL A 167 -21.51 17.83 -14.11
C VAL A 167 -22.72 17.88 -15.02
N GLU A 168 -23.87 17.54 -14.46
CA GLU A 168 -25.16 17.74 -15.11
CA GLU A 168 -25.16 17.74 -15.11
C GLU A 168 -26.07 18.41 -14.10
N GLY A 169 -26.34 19.70 -14.30
CA GLY A 169 -27.09 20.47 -13.32
C GLY A 169 -26.43 20.42 -11.97
N ASP A 170 -27.18 20.04 -10.94
CA ASP A 170 -26.63 19.99 -9.57
C ASP A 170 -26.10 18.62 -9.17
N GLU A 171 -25.86 17.78 -10.16
CA GLU A 171 -25.35 16.43 -9.93
C GLU A 171 -24.04 16.17 -10.64
N VAL A 172 -23.31 15.19 -10.11
CA VAL A 172 -22.18 14.60 -10.82
C VAL A 172 -22.63 13.23 -11.28
N VAL A 173 -22.32 12.88 -12.53
CA VAL A 173 -22.79 11.64 -13.13
C VAL A 173 -21.57 10.79 -13.52
N ILE A 174 -21.50 9.57 -12.99
CA ILE A 174 -20.30 8.75 -13.10
C ILE A 174 -20.58 7.47 -13.89
N ASN A 175 -19.72 7.19 -14.87
CA ASN A 175 -19.85 5.99 -15.70
C ASN A 175 -18.47 5.41 -16.02
N GLY A 176 -18.38 4.09 -15.97
CA GLY A 176 -17.16 3.41 -16.42
C GLY A 176 -16.82 2.23 -15.56
N ARG A 177 -15.61 1.71 -15.79
CA ARG A 177 -15.16 0.52 -15.09
C ARG A 177 -13.76 0.77 -14.59
N LYS A 178 -13.53 0.39 -13.33
CA LYS A 178 -12.23 0.48 -12.68
C LYS A 178 -11.80 -0.89 -12.17
N TRP A 179 -10.51 -1.13 -12.09
CA TRP A 179 -10.07 -2.38 -11.50
C TRP A 179 -8.76 -2.25 -10.74
N TRP A 180 -8.37 -3.35 -10.11
CA TRP A 180 -7.26 -3.36 -9.14
C TRP A 180 -7.56 -2.43 -7.97
N SER A 181 -8.84 -2.21 -7.67
CA SER A 181 -9.19 -1.35 -6.54
C SER A 181 -8.93 -2.11 -5.23
N THR A 182 -7.83 -1.79 -4.56
CA THR A 182 -7.47 -2.46 -3.32
C THR A 182 -8.52 -2.17 -2.24
N GLY A 183 -9.00 -3.21 -1.58
CA GLY A 183 -9.82 -3.09 -0.39
C GLY A 183 -11.33 -3.17 -0.57
N VAL A 184 -11.80 -3.13 -1.81
CA VAL A 184 -13.25 -3.07 -2.07
C VAL A 184 -14.00 -4.34 -1.72
N GLY A 185 -13.31 -5.44 -1.46
CA GLY A 185 -13.95 -6.66 -1.03
C GLY A 185 -14.35 -6.68 0.44
N HIS A 186 -13.83 -5.72 1.21
CA HIS A 186 -14.02 -5.71 2.67
C HIS A 186 -15.46 -5.30 2.96
N PRO A 187 -16.13 -5.98 3.91
CA PRO A 187 -17.52 -5.67 4.29
C PRO A 187 -17.74 -4.25 4.78
N ASP A 188 -16.68 -3.64 5.30
CA ASP A 188 -16.75 -2.28 5.81
C ASP A 188 -16.16 -1.24 4.87
N CYS A 189 -15.89 -1.62 3.62
CA CYS A 189 -15.49 -0.65 2.61
C CYS A 189 -16.74 0.09 2.17
N LYS A 190 -16.94 1.29 2.74
CA LYS A 190 -18.19 2.03 2.62
C LYS A 190 -18.11 3.20 1.65
N VAL A 191 -16.90 3.59 1.26
CA VAL A 191 -16.75 4.76 0.39
C VAL A 191 -15.54 4.62 -0.54
N ILE A 192 -15.67 5.20 -1.74
CA ILE A 192 -14.70 5.11 -2.82
CA ILE A 192 -14.69 5.11 -2.81
C ILE A 192 -14.27 6.52 -3.17
N ILE A 193 -12.97 6.72 -3.48
CA ILE A 193 -12.55 7.93 -4.15
C ILE A 193 -12.35 7.52 -5.60
N PHE A 194 -13.21 8.08 -6.46
CA PHE A 194 -13.25 7.79 -7.89
C PHE A 194 -12.47 8.89 -8.62
N MET A 195 -11.54 8.48 -9.49
CA MET A 195 -10.87 9.43 -10.35
CA MET A 195 -10.84 9.43 -10.35
C MET A 195 -11.28 9.19 -11.80
N GLY A 196 -11.70 10.25 -12.48
CA GLY A 196 -12.15 10.10 -13.87
C GLY A 196 -12.04 11.36 -14.68
N LEU A 197 -12.41 11.22 -15.95
CA LEU A 197 -12.41 12.33 -16.89
C LEU A 197 -13.66 13.18 -16.70
N THR A 198 -13.46 14.49 -16.67
CA THR A 198 -14.57 15.43 -16.52
C THR A 198 -14.75 16.21 -17.82
N ASP A 199 -13.85 17.15 -18.12
CA ASP A 199 -13.97 17.92 -19.36
C ASP A 199 -12.72 17.76 -20.21
N PRO A 200 -12.78 16.90 -21.25
CA PRO A 200 -11.60 16.73 -22.09
C PRO A 200 -11.15 18.03 -22.82
N ASN A 201 -12.06 18.98 -22.97
CA ASN A 201 -11.71 20.24 -23.63
C ASN A 201 -11.16 21.33 -22.72
N ALA A 202 -11.07 21.06 -21.42
CA ALA A 202 -10.40 22.00 -20.51
C ALA A 202 -8.88 22.03 -20.78
N HIS A 203 -8.19 22.95 -20.13
CA HIS A 203 -6.72 23.02 -20.21
C HIS A 203 -6.13 21.71 -19.69
N ARG A 204 -4.98 21.33 -20.23
CA ARG A 204 -4.22 20.22 -19.69
C ARG A 204 -4.09 20.42 -18.19
N TYR A 205 -4.15 19.33 -17.44
CA TYR A 205 -4.08 19.33 -15.97
C TYR A 205 -5.39 19.70 -15.26
N ALA A 206 -6.42 20.10 -16.01
CA ALA A 206 -7.72 20.47 -15.44
C ALA A 206 -8.88 19.68 -16.08
N ARG A 207 -8.59 18.50 -16.59
CA ARG A 207 -9.56 17.66 -17.28
C ARG A 207 -10.14 16.55 -16.43
N HIS A 208 -9.56 16.31 -15.26
CA HIS A 208 -9.94 15.18 -14.43
C HIS A 208 -10.41 15.62 -13.04
N SER A 209 -11.15 14.76 -12.38
CA SER A 209 -11.68 15.04 -11.06
C SER A 209 -11.60 13.82 -10.17
N MET A 210 -11.63 14.05 -8.87
CA MET A 210 -11.85 13.01 -7.89
C MET A 210 -13.20 13.26 -7.25
N VAL A 211 -13.95 12.18 -7.00
CA VAL A 211 -15.29 12.25 -6.45
C VAL A 211 -15.39 11.30 -5.26
N LEU A 212 -16.05 11.75 -4.20
CA LEU A 212 -16.28 10.91 -3.03
C LEU A 212 -17.59 10.15 -3.25
N VAL A 213 -17.50 8.83 -3.39
CA VAL A 213 -18.64 8.02 -3.79
C VAL A 213 -19.00 6.95 -2.75
N PRO A 214 -20.11 7.15 -2.02
CA PRO A 214 -20.53 6.07 -1.13
C PRO A 214 -20.80 4.78 -1.89
N MET A 215 -20.37 3.66 -1.33
CA MET A 215 -20.49 2.37 -2.01
C MET A 215 -21.92 1.89 -2.15
N ASP A 216 -22.83 2.36 -1.31
CA ASP A 216 -24.23 1.97 -1.45
C ASP A 216 -25.02 2.81 -2.47
N THR A 217 -24.33 3.67 -3.22
CA THR A 217 -24.99 4.46 -4.27
C THR A 217 -25.50 3.55 -5.39
N PRO A 218 -26.78 3.71 -5.79
CA PRO A 218 -27.27 2.89 -6.90
C PRO A 218 -26.42 3.01 -8.17
N GLY A 219 -26.15 1.87 -8.78
CA GLY A 219 -25.42 1.82 -10.05
C GLY A 219 -23.97 1.34 -9.91
N ILE A 220 -23.53 1.10 -8.67
CA ILE A 220 -22.19 0.54 -8.41
C ILE A 220 -22.29 -0.96 -8.28
N THR A 221 -21.38 -1.69 -8.95
CA THR A 221 -21.30 -3.14 -8.80
C THR A 221 -19.85 -3.55 -8.61
N VAL A 222 -19.58 -4.29 -7.55
CA VAL A 222 -18.29 -4.94 -7.41
C VAL A 222 -18.42 -6.24 -8.20
N GLU A 223 -17.81 -6.28 -9.38
CA GLU A 223 -18.02 -7.35 -10.34
C GLU A 223 -17.32 -8.64 -9.99
N ARG A 224 -16.09 -8.54 -9.51
CA ARG A 224 -15.27 -9.72 -9.18
C ARG A 224 -14.03 -9.28 -8.42
N MET A 225 -13.43 -10.23 -7.71
CA MET A 225 -12.15 -10.01 -7.04
C MET A 225 -11.03 -10.61 -7.88
N LEU A 226 -9.82 -10.04 -7.78
CA LEU A 226 -8.71 -10.39 -8.67
C LEU A 226 -7.60 -11.06 -7.87
N PRO A 227 -6.97 -12.10 -8.45
CA PRO A 227 -5.78 -12.73 -7.87
C PRO A 227 -4.50 -12.05 -8.30
N THR A 228 -3.46 -12.16 -7.48
CA THR A 228 -2.08 -11.82 -7.85
C THR A 228 -1.33 -13.12 -7.63
N MET A 229 -0.91 -13.78 -8.71
CA MET A 229 -0.37 -15.15 -8.62
CA MET A 229 -0.38 -15.15 -8.66
C MET A 229 -1.20 -16.05 -7.72
N GLY A 230 -2.50 -16.08 -7.91
CA GLY A 230 -3.25 -17.03 -7.01
C GLY A 230 -3.57 -16.55 -5.60
N PHE A 231 -2.97 -15.44 -5.15
CA PHE A 231 -3.30 -14.84 -3.86
C PHE A 231 -4.44 -13.84 -4.01
N TYR A 232 -5.44 -13.89 -3.14
CA TYR A 232 -6.57 -12.96 -3.19
C TYR A 232 -6.51 -11.81 -2.16
N ASP A 233 -5.55 -11.86 -1.23
CA ASP A 233 -5.36 -10.82 -0.22
CA ASP A 233 -5.36 -10.77 -0.25
C ASP A 233 -6.65 -10.50 0.54
N GLU A 234 -7.29 -11.56 0.99
CA GLU A 234 -8.47 -11.44 1.84
C GLU A 234 -8.09 -10.73 3.12
N PRO A 235 -9.01 -9.95 3.71
CA PRO A 235 -10.41 -9.80 3.36
C PRO A 235 -10.75 -8.63 2.42
N GLY A 236 -9.80 -7.76 2.16
CA GLY A 236 -10.04 -6.56 1.34
C GLY A 236 -9.92 -6.82 -0.15
N GLY A 237 -8.96 -7.66 -0.52
CA GLY A 237 -8.76 -8.05 -1.89
C GLY A 237 -8.43 -6.90 -2.83
N HIS A 238 -8.61 -7.17 -4.13
CA HIS A 238 -8.43 -6.19 -5.20
C HIS A 238 -9.57 -6.42 -6.17
N GLY A 239 -10.40 -5.41 -6.39
CA GLY A 239 -11.62 -5.65 -7.12
C GLY A 239 -11.74 -4.97 -8.46
N VAL A 240 -12.77 -5.39 -9.20
CA VAL A 240 -13.27 -4.71 -10.36
C VAL A 240 -14.61 -4.03 -9.98
N VAL A 241 -14.72 -2.74 -10.28
CA VAL A 241 -15.92 -1.95 -9.88
C VAL A 241 -16.46 -1.24 -11.11
N SER A 242 -17.74 -1.45 -11.39
CA SER A 242 -18.39 -0.78 -12.50
CA SER A 242 -18.43 -0.81 -12.51
C SER A 242 -19.36 0.27 -11.97
N PHE A 243 -19.52 1.33 -12.74
CA PHE A 243 -20.35 2.46 -12.38
C PHE A 243 -21.30 2.70 -13.56
N ASP A 244 -22.58 2.49 -13.33
CA ASP A 244 -23.58 2.63 -14.38
C ASP A 244 -24.56 3.69 -13.95
N ASN A 245 -24.46 4.85 -14.59
CA ASN A 245 -25.34 5.99 -14.31
C ASN A 245 -25.40 6.28 -12.82
N VAL A 246 -24.22 6.36 -12.19
CA VAL A 246 -24.13 6.67 -10.78
C VAL A 246 -24.26 8.18 -10.61
N ARG A 247 -25.24 8.62 -9.83
CA ARG A 247 -25.51 10.04 -9.69
C ARG A 247 -25.48 10.49 -8.25
N LEU A 248 -24.76 11.58 -8.03
CA LEU A 248 -24.58 12.13 -6.70
C LEU A 248 -24.74 13.63 -6.77
N PRO A 249 -25.00 14.28 -5.62
CA PRO A 249 -24.97 15.74 -5.58
C PRO A 249 -23.62 16.22 -6.01
N ALA A 250 -23.58 17.36 -6.70
CA ALA A 250 -22.32 17.88 -7.19
C ALA A 250 -21.32 18.19 -6.07
N ASP A 251 -21.80 18.33 -4.83
CA ASP A 251 -20.93 18.48 -3.65
CA ASP A 251 -20.89 18.51 -3.69
C ASP A 251 -20.03 17.26 -3.43
N ALA A 252 -20.32 16.16 -4.12
CA ALA A 252 -19.51 14.95 -3.97
C ALA A 252 -18.12 15.09 -4.57
N PHE A 253 -17.90 16.07 -5.45
CA PHE A 253 -16.54 16.32 -5.94
C PHE A 253 -15.63 16.65 -4.77
N ILE A 254 -14.40 16.17 -4.82
CA ILE A 254 -13.38 16.56 -3.88
C ILE A 254 -12.64 17.78 -4.45
N ALA A 255 -12.72 18.89 -3.73
CA ALA A 255 -12.20 20.22 -4.12
C ALA A 255 -13.03 20.88 -5.21
N GLY A 256 -13.23 20.19 -6.32
CA GLY A 256 -14.15 20.65 -7.35
C GLY A 256 -13.84 19.99 -8.68
N PRO A 257 -14.73 20.17 -9.66
CA PRO A 257 -14.47 19.56 -10.97
C PRO A 257 -13.15 20.03 -11.55
N GLY A 258 -12.38 19.13 -12.13
CA GLY A 258 -11.13 19.52 -12.78
C GLY A 258 -9.88 19.51 -11.91
N LYS A 259 -10.04 19.26 -10.61
CA LYS A 259 -8.93 19.34 -9.67
C LYS A 259 -8.22 18.00 -9.42
N GLY A 260 -8.56 16.98 -10.21
CA GLY A 260 -8.02 15.64 -10.01
C GLY A 260 -6.49 15.61 -10.00
N PHE A 261 -5.88 16.21 -11.02
CA PHE A 261 -4.43 16.22 -11.14
C PHE A 261 -3.77 17.03 -10.00
N GLU A 262 -4.37 18.16 -9.65
CA GLU A 262 -3.87 19.02 -8.56
C GLU A 262 -3.87 18.25 -7.25
N ILE A 263 -4.93 17.51 -6.97
CA ILE A 263 -5.01 16.71 -5.75
C ILE A 263 -3.87 15.68 -5.73
N ALA A 264 -3.75 14.92 -6.81
CA ALA A 264 -2.70 13.91 -6.91
C ALA A 264 -1.29 14.50 -6.67
N GLN A 265 -0.97 15.59 -7.37
CA GLN A 265 0.35 16.25 -7.21
C GLN A 265 0.54 16.83 -5.82
N GLY A 266 -0.51 17.44 -5.28
CA GLY A 266 -0.46 18.02 -3.95
C GLY A 266 -0.20 17.02 -2.84
N ARG A 267 -0.63 15.77 -3.03
CA ARG A 267 -0.52 14.73 -2.01
C ARG A 267 0.75 13.90 -2.17
N LEU A 268 1.44 14.05 -3.29
CA LEU A 268 2.57 13.22 -3.67
C LEU A 268 3.74 13.33 -2.70
N GLY A 269 4.29 12.17 -2.33
CA GLY A 269 5.54 12.09 -1.59
C GLY A 269 5.49 11.13 -0.42
N PRO A 270 4.73 11.49 0.63
CA PRO A 270 4.69 10.63 1.81
C PRO A 270 4.30 9.19 1.48
N GLY A 271 3.28 9.01 0.66
CA GLY A 271 2.84 7.69 0.24
C GLY A 271 3.95 6.85 -0.36
N ARG A 272 4.77 7.46 -1.20
CA ARG A 272 5.90 6.76 -1.82
C ARG A 272 6.89 6.31 -0.75
N VAL A 273 7.16 7.18 0.23
CA VAL A 273 8.03 6.80 1.35
C VAL A 273 7.43 5.63 2.14
N HIS A 274 6.13 5.68 2.41
CA HIS A 274 5.48 4.64 3.24
C HIS A 274 5.63 3.27 2.58
N HIS A 275 5.30 3.19 1.30
CA HIS A 275 5.41 1.92 0.58
C HIS A 275 6.85 1.41 0.50
N ALA A 276 7.77 2.31 0.22
CA ALA A 276 9.16 1.93 0.04
C ALA A 276 9.74 1.44 1.37
N MET A 277 9.43 2.12 2.47
CA MET A 277 9.87 1.66 3.80
C MET A 277 9.24 0.30 4.17
N ARG A 278 7.97 0.07 3.85
CA ARG A 278 7.39 -1.24 4.13
C ARG A 278 8.17 -2.34 3.39
N LEU A 279 8.61 -2.07 2.17
CA LEU A 279 9.36 -3.05 1.40
C LEU A 279 10.75 -3.33 2.03
N ILE A 280 11.33 -2.35 2.70
CA ILE A 280 12.58 -2.59 3.44
C ILE A 280 12.32 -3.63 4.54
N GLY A 281 11.23 -3.46 5.28
CA GLY A 281 10.84 -4.39 6.35
C GLY A 281 10.59 -5.80 5.83
N LEU A 282 9.87 -5.87 4.72
CA LEU A 282 9.58 -7.12 4.03
C LEU A 282 10.86 -7.84 3.64
N ALA A 283 11.81 -7.11 3.06
CA ALA A 283 13.11 -7.68 2.69
C ALA A 283 13.88 -8.17 3.90
N GLU A 284 13.85 -7.42 4.99
CA GLU A 284 14.53 -7.85 6.21
C GLU A 284 13.96 -9.16 6.73
N VAL A 285 12.63 -9.27 6.75
CA VAL A 285 12.00 -10.51 7.19
C VAL A 285 12.49 -11.65 6.29
N ALA A 286 12.55 -11.41 4.98
CA ALA A 286 13.01 -12.46 4.05
C ALA A 286 14.46 -12.86 4.33
N LEU A 287 15.34 -11.87 4.51
CA LEU A 287 16.76 -12.14 4.79
C LEU A 287 16.91 -12.90 6.11
N GLU A 288 16.16 -12.50 7.12
CA GLU A 288 16.18 -13.21 8.39
C GLU A 288 15.79 -14.67 8.23
N HIS A 289 14.73 -14.93 7.46
CA HIS A 289 14.30 -16.30 7.21
C HIS A 289 15.42 -17.05 6.50
N ALA A 290 16.02 -16.42 5.50
CA ALA A 290 17.09 -17.07 4.74
C ALA A 290 18.26 -17.49 5.64
N CYS A 291 18.66 -16.59 6.53
CA CYS A 291 19.80 -16.88 7.41
C CYS A 291 19.47 -18.02 8.39
N ARG A 292 18.30 -17.98 9.00
CA ARG A 292 17.89 -19.02 9.96
CA ARG A 292 17.93 -19.03 9.96
C ARG A 292 17.85 -20.38 9.29
N ARG A 293 17.14 -20.44 8.16
CA ARG A 293 17.00 -21.67 7.39
C ARG A 293 18.35 -22.19 6.92
N GLY A 294 19.18 -21.29 6.40
CA GLY A 294 20.49 -21.68 5.88
C GLY A 294 21.48 -22.13 6.92
N LEU A 295 21.32 -21.68 8.16
CA LEU A 295 22.16 -22.14 9.25
C LEU A 295 21.67 -23.47 9.82
N ASP A 296 20.37 -23.70 9.76
CA ASP A 296 19.74 -24.85 10.42
CA ASP A 296 19.75 -24.85 10.41
C ASP A 296 19.72 -26.11 9.55
N ARG A 297 19.54 -25.95 8.24
CA ARG A 297 19.47 -27.08 7.33
C ARG A 297 20.85 -27.48 6.84
N THR A 298 21.07 -28.80 6.71
CA THR A 298 22.38 -29.32 6.28
C THR A 298 22.27 -30.23 5.05
N ALA A 299 23.20 -30.06 4.13
CA ALA A 299 23.30 -30.85 2.89
C ALA A 299 24.75 -30.85 2.42
N PHE A 300 25.15 -31.98 1.85
CA PHE A 300 26.50 -32.14 1.31
C PHE A 300 27.56 -31.81 2.36
N GLY A 301 27.25 -32.15 3.61
CA GLY A 301 28.20 -32.04 4.70
C GLY A 301 28.25 -30.69 5.38
N LYS A 302 27.40 -29.74 4.98
CA LYS A 302 27.48 -28.37 5.46
C LYS A 302 26.11 -27.72 5.69
N PRO A 303 26.05 -26.71 6.57
CA PRO A 303 24.86 -25.88 6.60
C PRO A 303 24.66 -25.29 5.20
N LEU A 304 23.42 -25.13 4.78
CA LEU A 304 23.15 -24.68 3.40
C LEU A 304 23.82 -23.36 3.11
N VAL A 305 23.88 -22.46 4.10
CA VAL A 305 24.51 -21.13 3.91
CA VAL A 305 24.45 -21.15 3.85
C VAL A 305 25.96 -21.23 3.51
N ASN A 306 26.61 -22.32 3.89
CA ASN A 306 28.04 -22.51 3.59
C ASN A 306 28.29 -23.14 2.24
N LEU A 307 27.24 -23.45 1.52
CA LEU A 307 27.37 -24.07 0.20
C LEU A 307 27.44 -23.00 -0.86
N GLY A 308 28.32 -23.24 -1.83
CA GLY A 308 28.41 -22.42 -3.03
C GLY A 308 28.44 -20.95 -2.74
N GLY A 309 27.67 -20.19 -3.53
CA GLY A 309 27.60 -18.74 -3.42
C GLY A 309 26.64 -18.18 -2.39
N ASN A 310 26.15 -19.01 -1.48
CA ASN A 310 25.09 -18.56 -0.59
C ASN A 310 25.52 -17.42 0.36
N ARG A 311 26.71 -17.48 0.91
CA ARG A 311 27.19 -16.36 1.72
C ARG A 311 27.33 -15.08 0.89
N GLU A 312 27.80 -15.21 -0.36
CA GLU A 312 27.85 -14.03 -1.23
C GLU A 312 26.45 -13.47 -1.46
N ARG A 313 25.48 -14.35 -1.62
CA ARG A 313 24.08 -13.91 -1.79
C ARG A 313 23.55 -13.17 -0.55
N ILE A 314 23.86 -13.72 0.62
CA ILE A 314 23.49 -13.08 1.89
C ILE A 314 24.12 -11.69 1.99
N ALA A 315 25.40 -11.57 1.67
CA ALA A 315 26.11 -10.29 1.68
C ALA A 315 25.46 -9.29 0.74
N ASP A 316 25.19 -9.72 -0.48
CA ASP A 316 24.55 -8.87 -1.48
C ASP A 316 23.17 -8.39 -1.00
N ALA A 317 22.44 -9.26 -0.32
CA ALA A 317 21.13 -8.84 0.21
C ALA A 317 21.28 -7.79 1.32
N ARG A 318 22.24 -7.98 2.21
CA ARG A 318 22.51 -7.03 3.29
C ARG A 318 22.87 -5.65 2.74
N ILE A 319 23.75 -5.64 1.75
CA ILE A 319 24.15 -4.42 1.07
C ILE A 319 22.95 -3.74 0.40
N ALA A 320 22.18 -4.52 -0.35
CA ALA A 320 21.03 -4.01 -1.10
C ALA A 320 19.97 -3.39 -0.21
N ILE A 321 19.61 -4.11 0.86
CA ILE A 321 18.67 -3.57 1.83
C ILE A 321 19.18 -2.26 2.41
N ASN A 322 20.42 -2.27 2.87
CA ASN A 322 20.97 -1.12 3.56
C ASN A 322 21.02 0.11 2.67
N GLN A 323 21.48 -0.01 1.44
CA GLN A 323 21.60 1.18 0.59
C GLN A 323 20.20 1.69 0.19
N THR A 324 19.28 0.78 -0.07
CA THR A 324 17.93 1.18 -0.43
C THR A 324 17.24 1.85 0.74
N ARG A 325 17.39 1.29 1.93
CA ARG A 325 16.83 1.93 3.13
C ARG A 325 17.27 3.39 3.21
N LEU A 326 18.57 3.62 3.05
CA LEU A 326 19.12 4.96 3.19
C LEU A 326 18.62 5.92 2.11
N LEU A 327 18.45 5.42 0.89
CA LEU A 327 17.88 6.20 -0.21
C LEU A 327 16.46 6.67 0.21
N VAL A 328 15.70 5.78 0.85
CA VAL A 328 14.33 6.12 1.27
C VAL A 328 14.32 7.11 2.44
N LEU A 329 15.19 6.88 3.42
CA LEU A 329 15.28 7.81 4.56
C LEU A 329 15.70 9.20 4.11
N HIS A 330 16.58 9.25 3.12
CA HIS A 330 17.02 10.52 2.51
C HIS A 330 15.83 11.23 1.84
N ALA A 331 15.01 10.47 1.13
CA ALA A 331 13.81 11.01 0.50
C ALA A 331 12.86 11.61 1.55
N ALA A 332 12.68 10.93 2.66
CA ALA A 332 11.85 11.47 3.75
C ALA A 332 12.42 12.79 4.31
N TRP A 333 13.74 12.83 4.45
CA TRP A 333 14.42 14.04 4.90
C TRP A 333 14.21 15.18 3.91
N LEU A 334 14.29 14.90 2.61
CA LEU A 334 14.01 15.93 1.61
C LEU A 334 12.57 16.44 1.75
N LEU A 335 11.61 15.53 1.86
CA LEU A 335 10.21 15.95 2.02
C LEU A 335 10.02 16.85 3.23
N ASP A 336 10.73 16.56 4.32
CA ASP A 336 10.66 17.36 5.54
C ASP A 336 11.31 18.74 5.44
N THR A 337 12.30 18.89 4.57
CA THR A 337 13.12 20.10 4.53
C THR A 337 12.82 20.98 3.34
N VAL A 338 12.80 20.40 2.15
CA VAL A 338 12.55 21.15 0.92
C VAL A 338 11.17 20.86 0.30
N GLY A 339 10.45 19.90 0.86
CA GLY A 339 9.12 19.57 0.37
C GLY A 339 9.18 18.78 -0.92
N ILE A 340 8.00 18.47 -1.45
CA ILE A 340 7.91 17.67 -2.68
C ILE A 340 8.61 18.36 -3.86
N MET A 341 8.60 19.69 -3.89
CA MET A 341 9.27 20.40 -4.99
C MET A 341 10.77 20.12 -5.07
N GLY A 342 11.39 19.81 -3.93
CA GLY A 342 12.81 19.42 -3.89
C GLY A 342 13.05 17.92 -3.81
N ALA A 343 12.01 17.11 -3.96
CA ALA A 343 12.15 15.63 -3.83
C ALA A 343 11.53 14.88 -5.02
N LEU A 344 11.33 15.57 -6.14
CA LEU A 344 10.55 15.03 -7.27
C LEU A 344 11.26 13.80 -7.84
N SER A 345 12.58 13.87 -8.02
CA SER A 345 13.31 12.67 -8.46
C SER A 345 13.32 11.57 -7.40
N ALA A 346 13.64 11.96 -6.17
CA ALA A 346 13.77 10.99 -5.08
C ALA A 346 12.54 10.12 -4.89
N VAL A 347 11.35 10.70 -5.04
CA VAL A 347 10.13 9.92 -4.78
C VAL A 347 9.85 8.92 -5.89
N SER A 348 10.40 9.14 -7.08
CA SER A 348 10.40 8.10 -8.12
C SER A 348 11.59 7.13 -8.02
N GLU A 349 12.74 7.62 -7.56
CA GLU A 349 13.90 6.73 -7.39
C GLU A 349 13.55 5.60 -6.43
N ILE A 350 12.93 5.94 -5.31
CA ILE A 350 12.62 4.95 -4.28
C ILE A 350 11.52 4.00 -4.76
N LYS A 351 10.64 4.49 -5.63
CA LYS A 351 9.58 3.64 -6.18
C LYS A 351 10.14 2.55 -7.11
N VAL A 352 11.20 2.87 -7.84
CA VAL A 352 11.88 1.87 -8.66
C VAL A 352 12.72 0.96 -7.76
N ALA A 353 13.48 1.58 -6.87
CA ALA A 353 14.50 0.84 -6.14
C ALA A 353 13.95 -0.20 -5.16
N ALA A 354 12.97 0.20 -4.37
CA ALA A 354 12.56 -0.64 -3.26
C ALA A 354 11.91 -1.96 -3.69
N PRO A 355 10.95 -1.94 -4.64
CA PRO A 355 10.34 -3.24 -4.97
C PRO A 355 11.27 -4.19 -5.69
N ASN A 356 12.14 -3.64 -6.53
CA ASN A 356 13.15 -4.43 -7.22
C ASN A 356 14.17 -5.03 -6.27
N MET A 357 14.61 -4.25 -5.29
CA MET A 357 15.49 -4.79 -4.26
C MET A 357 14.80 -5.93 -3.49
N ALA A 358 13.57 -5.69 -3.05
CA ALA A 358 12.87 -6.67 -2.22
C ALA A 358 12.59 -7.95 -2.99
N GLN A 359 12.18 -7.80 -4.26
CA GLN A 359 11.92 -8.97 -5.09
C GLN A 359 13.13 -9.90 -5.14
N GLN A 360 14.32 -9.31 -5.33
CA GLN A 360 15.52 -10.13 -5.46
C GLN A 360 15.93 -10.78 -4.13
N VAL A 361 15.81 -10.05 -3.04
CA VAL A 361 16.13 -10.62 -1.73
C VAL A 361 15.20 -11.80 -1.41
N ILE A 362 13.91 -11.60 -1.69
CA ILE A 362 12.90 -12.60 -1.40
C ILE A 362 13.13 -13.83 -2.30
N ASP A 363 13.44 -13.62 -3.58
CA ASP A 363 13.68 -14.77 -4.44
CA ASP A 363 13.70 -14.74 -4.50
C ASP A 363 14.87 -15.60 -3.97
N MET A 364 15.90 -14.93 -3.47
CA MET A 364 17.05 -15.60 -2.87
C MET A 364 16.59 -16.39 -1.63
N ALA A 365 15.73 -15.79 -0.80
CA ALA A 365 15.28 -16.47 0.42
C ALA A 365 14.45 -17.72 0.12
N ILE A 366 13.54 -17.60 -0.84
CA ILE A 366 12.76 -18.72 -1.31
C ILE A 366 13.67 -19.88 -1.73
N GLN A 367 14.68 -19.58 -2.54
CA GLN A 367 15.56 -20.62 -3.05
C GLN A 367 16.20 -21.41 -1.92
N ILE A 368 16.70 -20.71 -0.89
CA ILE A 368 17.36 -21.30 0.29
CA ILE A 368 17.39 -21.39 0.21
C ILE A 368 16.42 -22.22 1.07
N HIS A 369 15.11 -21.96 0.98
CA HIS A 369 14.10 -22.81 1.63
C HIS A 369 13.69 -24.05 0.86
N GLY A 370 14.20 -24.19 -0.36
CA GLY A 370 13.84 -25.29 -1.21
C GLY A 370 12.39 -25.19 -1.61
N GLY A 371 11.78 -26.34 -1.89
CA GLY A 371 10.36 -26.39 -2.29
C GLY A 371 9.44 -25.65 -1.33
N GLY A 372 9.67 -25.84 -0.02
CA GLY A 372 8.90 -25.17 1.02
C GLY A 372 8.84 -23.66 0.87
N GLY A 373 9.87 -23.06 0.27
CA GLY A 373 9.90 -21.62 -0.01
C GLY A 373 8.72 -21.12 -0.85
N LEU A 374 8.18 -21.99 -1.71
CA LEU A 374 7.07 -21.60 -2.58
C LEU A 374 5.70 -21.78 -1.89
N SER A 375 5.69 -22.48 -0.75
CA SER A 375 4.46 -22.77 -0.02
C SER A 375 4.08 -21.60 0.89
N ASN A 376 2.98 -21.73 1.61
CA ASN A 376 2.63 -20.70 2.58
C ASN A 376 2.91 -21.15 4.00
N ASP A 377 3.76 -22.16 4.15
CA ASP A 377 4.29 -22.51 5.45
C ASP A 377 5.24 -21.42 5.97
N PHE A 378 5.74 -20.59 5.04
CA PHE A 378 6.50 -19.40 5.36
C PHE A 378 5.87 -18.23 4.62
N PRO A 379 6.17 -17.00 5.05
CA PRO A 379 5.55 -15.82 4.41
C PRO A 379 6.27 -15.37 3.14
N LEU A 380 7.26 -16.14 2.69
CA LEU A 380 8.13 -15.69 1.58
C LEU A 380 7.43 -15.64 0.23
N ALA A 381 6.61 -16.63 -0.06
CA ALA A 381 5.91 -16.69 -1.35
C ALA A 381 4.98 -15.48 -1.50
N ALA A 382 4.21 -15.19 -0.45
CA ALA A 382 3.32 -14.05 -0.44
C ALA A 382 4.13 -12.76 -0.54
N ALA A 383 5.26 -12.72 0.17
CA ALA A 383 6.14 -11.56 0.13
C ALA A 383 6.64 -11.28 -1.27
N TRP A 384 7.06 -12.33 -1.96
CA TRP A 384 7.55 -12.13 -3.33
C TRP A 384 6.49 -11.43 -4.19
N VAL A 385 5.26 -11.92 -4.09
CA VAL A 385 4.17 -11.39 -4.89
C VAL A 385 3.89 -9.95 -4.51
N ASN A 386 3.99 -9.66 -3.22
CA ASN A 386 3.83 -8.29 -2.76
C ASN A 386 4.85 -7.34 -3.40
N ALA A 387 6.13 -7.71 -3.36
CA ALA A 387 7.17 -6.88 -3.93
C ALA A 387 6.97 -6.78 -5.43
N ARG A 388 6.66 -7.91 -6.07
CA ARG A 388 6.46 -7.91 -7.54
C ARG A 388 5.34 -6.95 -7.96
N ALA A 389 4.25 -6.99 -7.21
CA ALA A 389 3.09 -6.17 -7.50
C ALA A 389 3.41 -4.69 -7.33
N LEU A 390 4.32 -4.38 -6.42
CA LEU A 390 4.68 -3.00 -6.16
C LEU A 390 5.60 -2.39 -7.21
N ARG A 391 5.99 -3.20 -8.21
CA ARG A 391 6.60 -2.69 -9.45
C ARG A 391 5.57 -2.17 -10.45
N LEU A 392 4.28 -2.34 -10.13
CA LEU A 392 3.16 -1.94 -10.99
C LEU A 392 2.21 -1.02 -10.25
N ALA A 393 1.79 -1.42 -9.06
CA ALA A 393 0.92 -0.57 -8.23
C ALA A 393 1.56 0.80 -8.02
N ASP A 394 0.73 1.84 -8.05
CA ASP A 394 1.19 3.24 -8.01
C ASP A 394 2.16 3.60 -9.14
N GLY A 395 2.01 2.95 -10.29
CA GLY A 395 2.77 3.30 -11.49
C GLY A 395 3.93 2.36 -11.73
N PRO A 396 4.05 1.86 -12.98
CA PRO A 396 5.13 0.91 -13.24
C PRO A 396 6.53 1.48 -13.11
N ASP A 397 7.49 0.60 -12.78
CA ASP A 397 8.93 0.93 -12.73
C ASP A 397 9.33 1.89 -13.87
N GLU A 398 8.93 1.52 -15.07
CA GLU A 398 9.33 2.23 -16.30
C GLU A 398 8.89 3.70 -16.31
N VAL A 399 7.69 3.96 -15.80
CA VAL A 399 7.19 5.33 -15.74
C VAL A 399 8.04 6.15 -14.78
N HIS A 400 8.33 5.56 -13.63
CA HIS A 400 9.20 6.20 -12.65
C HIS A 400 10.63 6.39 -13.12
N ARG A 401 11.18 5.44 -13.86
CA ARG A 401 12.49 5.64 -14.49
C ARG A 401 12.42 6.84 -15.43
N GLY A 402 11.30 6.95 -16.16
CA GLY A 402 11.11 8.09 -17.06
C GLY A 402 11.17 9.43 -16.33
N VAL A 403 10.54 9.50 -15.16
CA VAL A 403 10.61 10.70 -14.33
C VAL A 403 12.05 11.01 -13.92
N VAL A 404 12.75 10.00 -13.43
CA VAL A 404 14.12 10.18 -12.96
C VAL A 404 15.02 10.66 -14.11
N ALA A 405 14.89 10.04 -15.27
CA ALA A 405 15.68 10.42 -16.44
C ALA A 405 15.39 11.84 -16.88
N ARG A 406 14.12 12.20 -16.92
CA ARG A 406 13.73 13.54 -17.38
C ARG A 406 14.38 14.60 -16.50
N ILE A 407 14.32 14.37 -15.20
CA ILE A 407 14.84 15.34 -14.23
C ILE A 407 16.36 15.42 -14.32
N GLU A 408 17.01 14.27 -14.51
CA GLU A 408 18.46 14.26 -14.66
C GLU A 408 18.84 15.05 -15.92
N LEU A 409 18.18 14.75 -17.03
CA LEU A 409 18.56 15.36 -18.32
C LEU A 409 18.33 16.88 -18.36
N ALA A 410 17.32 17.34 -17.62
CA ALA A 410 17.00 18.75 -17.49
C ALA A 410 18.17 19.55 -16.88
N LYS A 411 19.02 18.89 -16.11
CA LYS A 411 20.20 19.55 -15.53
C LYS A 411 21.24 20.03 -16.55
N TYR A 412 21.18 19.53 -17.77
CA TYR A 412 22.21 19.79 -18.77
C TYR A 412 21.72 20.79 -19.82
N ALA A 413 20.52 21.32 -19.66
CA ALA A 413 19.95 22.25 -20.64
C ALA A 413 20.68 23.58 -20.61
#